data_3V0M
#
_entry.id   3V0M
#
_cell.length_a   78.170
_cell.length_b   153.250
_cell.length_c   52.720
_cell.angle_alpha   90.000
_cell.angle_beta   90.000
_cell.angle_gamma   90.000
#
_symmetry.space_group_name_H-M   'P 21 21 2'
#
loop_
_entity.id
_entity.type
_entity.pdbx_description
1 polymer 'Histo-blood group ABO system transferase'
2 non-polymer 'MANGANESE (II) ION'
3 non-polymer "5-phenyluridine 5'-(trihydrogen diphosphate)"
4 non-polymer 'octyl 2-O-(6-deoxy-alpha-L-galactopyranosyl)-beta-D-galactopyranoside'
5 non-polymer 'SULFATE ION'
6 water water
#
_entity_poly.entity_id   1
_entity_poly.type   'polypeptide(L)'
_entity_poly.pdbx_seq_one_letter_code
;MAIGEFMVSLPRMVYPQPKVLTPCRKDVLVVTPWLAPIVWEGTFNIDILNEQFRLQNTTIGLTVFAIKKYVAFLKLFLET
AEKHFMVGHRVHYYVFTDQPAAVPRVTLGTGRQLSVLEVRAYKRWQDVSMRRMEMISDFCERRFLSEVDYLVCVDVDMEF
RDHVGVEILTPLFGTLHPGFYGSSREAFTYERRPQSQAYIPKDEGDFYYGGAFFGGSVQEVQRLTRACHQAMMVDQANGI
EAVWHDESHLNKYLLRHKPTKVLSPEYLWDQQLLGWPAVLRKLRFTAVPKNHQAVRNP
;
_entity_poly.pdbx_strand_id   A,B
#
# COMPACT_ATOMS: atom_id res chain seq x y z
N ALA A 2 -11.98 14.26 -0.42
CA ALA A 2 -12.36 13.13 -1.25
C ALA A 2 -11.29 12.05 -1.17
N ILE A 3 -11.63 10.84 -1.57
CA ILE A 3 -10.58 9.86 -1.86
C ILE A 3 -10.53 9.75 -3.39
N GLY A 4 -9.44 10.26 -3.97
CA GLY A 4 -9.32 10.31 -5.41
C GLY A 4 -9.32 8.93 -6.05
N GLU A 5 -9.99 8.79 -7.19
CA GLU A 5 -10.00 7.53 -7.91
C GLU A 5 -8.59 7.13 -8.41
N PHE A 6 -7.81 8.12 -8.82
CA PHE A 6 -6.51 7.83 -9.45
C PHE A 6 -5.31 8.51 -8.76
N MET A 7 -4.10 8.10 -9.13
CA MET A 7 -2.89 8.74 -8.62
C MET A 7 -2.94 10.25 -8.86
N VAL A 8 -2.48 11.04 -7.88
CA VAL A 8 -2.40 12.49 -8.07
C VAL A 8 -1.05 12.94 -8.65
N SER A 9 -1.07 14.08 -9.35
CA SER A 9 0.14 14.67 -9.95
C SER A 9 0.73 15.72 -9.02
N LEU A 10 1.98 15.52 -8.63
CA LEU A 10 2.66 16.36 -7.64
C LEU A 10 3.46 17.46 -8.33
N PRO A 11 3.60 18.62 -7.65
CA PRO A 11 4.52 19.62 -8.23
C PRO A 11 5.97 19.20 -8.05
N ARG A 12 6.89 19.94 -8.67
CA ARG A 12 8.31 19.78 -8.36
C ARG A 12 8.56 19.92 -6.87
N MET A 13 9.35 18.99 -6.32
CA MET A 13 9.71 19.05 -4.91
C MET A 13 11.20 18.75 -4.78
N VAL A 14 11.86 19.43 -3.86
CA VAL A 14 13.27 19.12 -3.57
C VAL A 14 13.38 18.43 -2.20
N TYR A 15 13.91 17.21 -2.18
CA TYR A 15 14.07 16.47 -0.93
C TYR A 15 15.19 15.45 -1.14
N PRO A 16 15.73 14.92 -0.03
CA PRO A 16 16.82 13.95 -0.17
C PRO A 16 16.38 12.72 -0.94
N GLN A 17 17.27 12.24 -1.80
CA GLN A 17 17.00 11.05 -2.59
C GLN A 17 16.92 9.80 -1.73
N PRO A 18 15.88 8.96 -1.92
CA PRO A 18 15.87 7.69 -1.20
C PRO A 18 17.00 6.84 -1.71
N LYS A 19 17.75 6.20 -0.82
CA LYS A 19 18.86 5.37 -1.26
C LYS A 19 18.53 3.89 -1.11
N VAL A 20 18.47 3.21 -2.24
CA VAL A 20 18.12 1.82 -2.35
C VAL A 20 19.03 0.91 -1.50
N LEU A 21 20.32 1.25 -1.43
CA LEU A 21 21.28 0.37 -0.75
C LEU A 21 21.63 0.81 0.67
N THR A 22 21.02 1.89 1.15
CA THR A 22 21.30 2.37 2.51
C THR A 22 20.04 2.77 3.26
N PRO A 23 19.20 1.77 3.58
CA PRO A 23 17.97 2.02 4.32
C PRO A 23 18.24 2.71 5.65
N CYS A 24 17.39 3.65 6.05
CA CYS A 24 17.52 4.33 7.33
C CYS A 24 17.20 3.39 8.50
N ARG A 25 16.04 2.77 8.48
CA ARG A 25 15.67 1.86 9.60
C ARG A 25 16.09 0.43 9.30
N LYS A 26 17.12 -0.06 9.98
CA LYS A 26 17.55 -1.45 9.83
C LYS A 26 17.23 -2.23 11.11
N ASP A 27 16.62 -1.55 12.07
CA ASP A 27 16.46 -2.13 13.39
C ASP A 27 15.05 -2.72 13.59
N VAL A 28 14.16 -2.43 12.64
CA VAL A 28 12.77 -2.85 12.79
C VAL A 28 12.23 -3.32 11.46
N LEU A 29 11.19 -4.14 11.52
CA LEU A 29 10.45 -4.54 10.33
C LEU A 29 9.63 -3.34 9.84
N VAL A 30 9.80 -2.93 8.57
CA VAL A 30 9.05 -1.77 8.08
C VAL A 30 8.03 -2.14 7.00
N VAL A 31 7.89 -3.43 6.76
CA VAL A 31 6.84 -3.88 5.83
C VAL A 31 6.34 -5.25 6.30
N THR A 32 5.03 -5.47 6.24
CA THR A 32 4.50 -6.77 6.68
C THR A 32 4.64 -7.81 5.57
N PRO A 33 4.41 -9.09 5.85
CA PRO A 33 4.53 -10.11 4.78
C PRO A 33 3.48 -10.01 3.69
N TRP A 34 2.46 -9.18 3.91
CA TRP A 34 1.46 -8.91 2.87
C TRP A 34 1.69 -7.54 2.24
N LEU A 35 2.89 -7.02 2.48
CA LEU A 35 3.38 -5.81 1.81
C LEU A 35 2.64 -4.55 2.24
N ALA A 36 2.22 -4.51 3.48
CA ALA A 36 1.71 -3.29 4.09
C ALA A 36 2.85 -2.60 4.81
N PRO A 37 3.00 -1.28 4.61
CA PRO A 37 4.02 -0.58 5.40
C PRO A 37 3.74 -0.62 6.91
N ILE A 38 4.82 -0.72 7.69
CA ILE A 38 4.73 -0.55 9.13
C ILE A 38 5.35 0.81 9.38
N VAL A 39 4.56 1.72 9.96
CA VAL A 39 4.91 3.14 9.95
C VAL A 39 5.77 3.52 11.16
N TRP A 40 7.05 3.79 10.91
CA TRP A 40 7.99 4.24 11.94
C TRP A 40 8.63 5.55 11.46
N GLU A 41 9.05 6.38 12.40
CA GLU A 41 9.87 7.54 12.03
C GLU A 41 11.07 7.11 11.18
N GLY A 42 11.29 7.88 10.11
CA GLY A 42 12.34 7.57 9.15
C GLY A 42 11.89 6.82 7.90
N THR A 43 10.67 6.28 7.93
CA THR A 43 10.19 5.49 6.81
C THR A 43 9.45 6.37 5.81
N PHE A 44 9.02 7.56 6.24
CA PHE A 44 8.21 8.40 5.36
C PHE A 44 8.71 9.84 5.23
N ASN A 45 8.46 10.41 4.05
CA ASN A 45 8.71 11.82 3.84
C ASN A 45 7.38 12.50 3.94
N ILE A 46 7.16 13.21 5.05
CA ILE A 46 5.84 13.79 5.31
C ILE A 46 5.49 14.89 4.30
N ASP A 47 6.49 15.53 3.68
CA ASP A 47 6.16 16.56 2.68
C ASP A 47 5.50 15.96 1.44
N ILE A 48 6.03 14.81 1.00
CA ILE A 48 5.45 14.12 -0.15
C ILE A 48 4.02 13.68 0.20
N LEU A 49 3.85 13.04 1.34
CA LEU A 49 2.54 12.54 1.74
C LEU A 49 1.53 13.68 1.94
N ASN A 50 1.95 14.76 2.59
CA ASN A 50 1.07 15.93 2.74
C ASN A 50 0.56 16.45 1.40
N GLU A 51 1.45 16.57 0.43
CA GLU A 51 1.06 16.95 -0.91
C GLU A 51 0.02 16.01 -1.51
N GLN A 52 0.31 14.71 -1.47
CA GLN A 52 -0.61 13.71 -2.03
C GLN A 52 -1.99 13.85 -1.39
N PHE A 53 -2.04 13.98 -0.07
CA PHE A 53 -3.34 14.01 0.57
C PHE A 53 -4.06 15.35 0.49
N ARG A 54 -3.32 16.46 0.53
CA ARG A 54 -3.96 17.78 0.36
C ARG A 54 -4.56 17.93 -1.03
N LEU A 55 -3.89 17.39 -2.03
CA LEU A 55 -4.41 17.49 -3.39
C LEU A 55 -5.76 16.80 -3.56
N GLN A 56 -6.07 15.85 -2.69
CA GLN A 56 -7.39 15.23 -2.67
C GLN A 56 -8.36 15.86 -1.67
N ASN A 57 -7.96 16.97 -1.03
CA ASN A 57 -8.75 17.64 -0.01
C ASN A 57 -9.28 16.65 1.00
N THR A 58 -8.36 15.87 1.56
CA THR A 58 -8.72 14.80 2.45
C THR A 58 -9.31 15.34 3.74
N THR A 59 -10.43 14.73 4.16
CA THR A 59 -11.05 15.03 5.47
C THR A 59 -10.93 13.81 6.38
N ILE A 60 -10.39 14.05 7.57
CA ILE A 60 -10.17 12.96 8.51
C ILE A 60 -11.11 13.14 9.72
N GLY A 61 -11.91 12.11 10.00
CA GLY A 61 -12.73 12.07 11.21
C GLY A 61 -11.96 11.39 12.31
N LEU A 62 -12.09 11.91 13.53
CA LEU A 62 -11.43 11.30 14.70
C LEU A 62 -12.51 11.07 15.75
N THR A 63 -12.81 9.80 16.04
CA THR A 63 -13.84 9.43 17.02
C THR A 63 -13.21 9.18 18.38
N VAL A 64 -13.91 9.60 19.43
CA VAL A 64 -13.41 9.39 20.78
C VAL A 64 -14.65 9.27 21.67
N PHE A 65 -14.64 8.34 22.61
CA PHE A 65 -15.73 8.19 23.55
C PHE A 65 -15.39 8.79 24.90
N ALA A 66 -16.33 9.54 25.44
CA ALA A 66 -16.13 10.25 26.69
C ALA A 66 -17.40 10.10 27.50
N ILE A 67 -17.57 8.89 27.99
CA ILE A 67 -18.77 8.46 28.71
C ILE A 67 -18.49 8.50 30.21
N LYS A 68 -19.46 8.98 30.98
CA LYS A 68 -19.34 9.11 32.43
C LYS A 68 -18.10 9.93 32.81
N LYS A 69 -17.23 9.43 33.69
CA LYS A 69 -16.16 10.28 34.21
C LYS A 69 -15.07 10.61 33.18
N TYR A 70 -15.10 9.92 32.05
CA TYR A 70 -14.06 10.10 31.05
C TYR A 70 -14.20 11.43 30.28
N VAL A 71 -15.24 12.21 30.55
CA VAL A 71 -15.28 13.57 30.00
C VAL A 71 -14.09 14.41 30.49
N ALA A 72 -13.53 14.03 31.64
CA ALA A 72 -12.38 14.75 32.21
C ALA A 72 -11.16 14.73 31.29
N PHE A 73 -11.09 13.72 30.42
CA PHE A 73 -9.93 13.59 29.51
C PHE A 73 -10.01 14.42 28.27
N LEU A 74 -11.18 15.01 28.02
CA LEU A 74 -11.40 15.65 26.74
C LEU A 74 -10.54 16.89 26.51
N LYS A 75 -10.35 17.71 27.54
CA LYS A 75 -9.66 18.99 27.32
C LYS A 75 -8.25 18.75 26.80
N LEU A 76 -7.48 17.93 27.51
CA LEU A 76 -6.12 17.64 27.09
C LEU A 76 -6.09 16.87 25.74
N PHE A 77 -7.00 15.94 25.56
CA PHE A 77 -7.07 15.19 24.31
C PHE A 77 -7.22 16.12 23.10
N LEU A 78 -8.22 16.99 23.18
CA LEU A 78 -8.53 17.91 22.10
C LEU A 78 -7.45 19.01 21.90
N GLU A 79 -6.98 19.61 22.99
CA GLU A 79 -5.95 20.64 22.85
C GLU A 79 -4.69 20.09 22.22
N THR A 80 -4.29 18.89 22.63
CA THR A 80 -3.10 18.27 22.03
C THR A 80 -3.32 17.79 20.59
N ALA A 81 -4.52 17.30 20.28
CA ALA A 81 -4.87 16.96 18.89
C ALA A 81 -4.72 18.18 17.98
N GLU A 82 -5.14 19.34 18.48
CA GLU A 82 -4.98 20.57 17.71
C GLU A 82 -3.51 20.87 17.40
N LYS A 83 -2.60 20.52 18.30
CA LYS A 83 -1.18 20.75 18.06
C LYS A 83 -0.53 19.74 17.10
N HIS A 84 -1.07 18.51 17.03
CA HIS A 84 -0.33 17.39 16.46
C HIS A 84 -1.03 16.50 15.44
N PHE A 85 -2.36 16.54 15.40
CA PHE A 85 -3.11 15.59 14.60
C PHE A 85 -3.55 16.19 13.29
N MET A 86 -2.98 15.70 12.17
CA MET A 86 -3.42 16.09 10.85
C MET A 86 -3.42 17.61 10.62
N VAL A 87 -2.50 18.32 11.26
CA VAL A 87 -2.43 19.78 11.08
C VAL A 87 -2.20 20.11 9.61
N GLY A 88 -3.07 20.98 9.08
CA GLY A 88 -2.97 21.40 7.69
C GLY A 88 -4.07 20.77 6.85
N HIS A 89 -4.72 19.74 7.39
CA HIS A 89 -5.76 19.00 6.71
C HIS A 89 -7.12 19.26 7.34
N ARG A 90 -8.18 18.86 6.66
CA ARG A 90 -9.53 18.99 7.21
C ARG A 90 -9.74 17.93 8.28
N VAL A 91 -10.19 18.35 9.46
CA VAL A 91 -10.42 17.37 10.53
C VAL A 91 -11.81 17.58 11.11
N HIS A 92 -12.47 16.46 11.46
CA HIS A 92 -13.78 16.50 12.09
C HIS A 92 -13.72 15.58 13.28
N TYR A 93 -13.75 16.16 14.49
CA TYR A 93 -13.77 15.38 15.70
C TYR A 93 -15.18 14.95 15.99
N TYR A 94 -15.32 13.69 16.41
CA TYR A 94 -16.63 13.21 16.84
C TYR A 94 -16.53 12.76 18.28
N VAL A 95 -17.16 13.51 19.18
CA VAL A 95 -17.10 13.16 20.59
C VAL A 95 -18.41 12.49 20.99
N PHE A 96 -18.34 11.19 21.30
CA PHE A 96 -19.50 10.42 21.74
C PHE A 96 -19.57 10.58 23.25
N THR A 97 -20.67 11.13 23.78
CA THR A 97 -20.74 11.36 25.23
C THR A 97 -22.17 11.28 25.74
N ASP A 98 -22.32 10.91 27.00
CA ASP A 98 -23.64 10.99 27.63
C ASP A 98 -23.83 12.34 28.31
N GLN A 99 -22.81 13.20 28.22
CA GLN A 99 -22.87 14.53 28.83
C GLN A 99 -22.45 15.63 27.88
N PRO A 100 -23.32 16.01 26.94
CA PRO A 100 -22.87 17.03 25.98
C PRO A 100 -22.47 18.35 26.63
N ALA A 101 -23.12 18.73 27.73
CA ALA A 101 -22.81 20.01 28.36
C ALA A 101 -21.44 20.01 29.03
N ALA A 102 -20.87 18.81 29.19
CA ALA A 102 -19.57 18.64 29.86
C ALA A 102 -18.40 18.69 28.89
N VAL A 103 -18.68 18.75 27.59
CA VAL A 103 -17.61 18.85 26.61
C VAL A 103 -16.94 20.23 26.71
N PRO A 104 -15.63 20.25 26.94
CA PRO A 104 -14.92 21.53 27.13
C PRO A 104 -14.90 22.38 25.88
N ARG A 105 -14.93 23.69 26.07
CA ARG A 105 -14.77 24.60 24.95
C ARG A 105 -13.31 24.57 24.55
N VAL A 106 -13.07 24.13 23.33
CA VAL A 106 -11.70 24.10 22.81
C VAL A 106 -11.67 24.81 21.46
N THR A 107 -10.81 25.81 21.38
CA THR A 107 -10.65 26.63 20.18
C THR A 107 -9.98 25.82 19.07
N LEU A 108 -10.60 25.81 17.88
CA LEU A 108 -10.06 24.97 16.80
C LEU A 108 -9.45 25.78 15.69
N GLY A 109 -8.43 25.19 15.05
CA GLY A 109 -7.82 25.80 13.89
C GLY A 109 -8.75 25.78 12.70
N THR A 110 -8.45 26.60 11.71
CA THR A 110 -9.27 26.66 10.51
C THR A 110 -9.36 25.29 9.82
N GLY A 111 -10.55 24.98 9.30
CA GLY A 111 -10.80 23.72 8.61
C GLY A 111 -11.06 22.55 9.55
N ARG A 112 -11.21 22.84 10.84
CA ARG A 112 -11.40 21.78 11.83
C ARG A 112 -12.68 22.06 12.57
N GLN A 113 -13.45 21.00 12.83
CA GLN A 113 -14.73 21.16 13.50
C GLN A 113 -14.98 20.00 14.43
N LEU A 114 -15.94 20.20 15.32
CA LEU A 114 -16.27 19.19 16.32
C LEU A 114 -17.76 18.97 16.38
N SER A 115 -18.14 17.70 16.40
CA SER A 115 -19.52 17.32 16.62
C SER A 115 -19.64 16.53 17.89
N VAL A 116 -20.67 16.85 18.68
CA VAL A 116 -20.97 16.09 19.89
C VAL A 116 -22.10 15.10 19.60
N LEU A 117 -21.85 13.81 19.81
CA LEU A 117 -22.83 12.78 19.53
C LEU A 117 -23.33 12.23 20.86
N GLU A 118 -24.60 12.49 21.19
CA GLU A 118 -25.16 12.07 22.46
C GLU A 118 -25.58 10.60 22.39
N VAL A 119 -25.00 9.79 23.27
CA VAL A 119 -25.27 8.36 23.32
C VAL A 119 -25.50 7.86 24.75
N ARG A 120 -26.00 6.64 24.88
CA ARG A 120 -26.28 6.11 26.21
C ARG A 120 -25.00 5.66 26.93
N ALA A 121 -25.04 5.75 28.25
CA ALA A 121 -23.96 5.27 29.11
C ALA A 121 -24.28 3.89 29.66
N TYR A 122 -23.43 2.91 29.34
CA TYR A 122 -23.62 1.56 29.88
C TYR A 122 -23.07 1.50 31.30
N LYS A 123 -23.64 0.62 32.10
CA LYS A 123 -23.21 0.49 33.49
C LYS A 123 -21.83 -0.18 33.57
N ARG A 124 -21.66 -1.29 32.86
CA ARG A 124 -20.41 -2.04 32.94
C ARG A 124 -19.36 -1.39 32.07
N TRP A 125 -18.19 -1.14 32.62
CA TRP A 125 -17.10 -0.56 31.82
C TRP A 125 -16.78 -1.41 30.59
N GLN A 126 -16.95 -2.73 30.72
CA GLN A 126 -16.69 -3.63 29.60
C GLN A 126 -17.61 -3.31 28.45
N ASP A 127 -18.89 -3.08 28.76
CA ASP A 127 -19.88 -2.75 27.75
C ASP A 127 -19.66 -1.36 27.13
N VAL A 128 -19.29 -0.39 27.95
CA VAL A 128 -18.90 0.93 27.43
C VAL A 128 -17.80 0.77 26.38
N SER A 129 -16.76 0.03 26.72
CA SER A 129 -15.66 -0.19 25.77
C SER A 129 -16.15 -0.96 24.54
N MET A 130 -16.87 -2.05 24.77
CA MET A 130 -17.28 -2.91 23.66
C MET A 130 -18.27 -2.27 22.70
N ARG A 131 -19.21 -1.51 23.26
CA ARG A 131 -20.28 -0.90 22.47
C ARG A 131 -19.80 0.27 21.60
N ARG A 132 -18.53 0.65 21.74
CA ARG A 132 -17.97 1.60 20.78
C ARG A 132 -18.07 1.08 19.35
N MET A 133 -17.88 -0.23 19.17
CA MET A 133 -17.98 -0.81 17.83
C MET A 133 -19.37 -0.59 17.24
N GLU A 134 -20.40 -0.91 18.01
CA GLU A 134 -21.78 -0.70 17.56
C GLU A 134 -22.01 0.78 17.22
N MET A 135 -21.58 1.65 18.12
CA MET A 135 -21.83 3.08 17.95
C MET A 135 -21.09 3.68 16.74
N ILE A 136 -19.85 3.29 16.55
CA ILE A 136 -19.09 3.77 15.38
C ILE A 136 -19.80 3.24 14.14
N SER A 137 -20.16 1.96 14.12
CA SER A 137 -20.76 1.39 12.93
C SER A 137 -22.06 2.13 12.58
N ASP A 138 -22.88 2.38 13.60
CA ASP A 138 -24.15 3.04 13.38
CA ASP A 138 -24.16 3.05 13.41
C ASP A 138 -23.93 4.44 12.77
N PHE A 139 -22.96 5.17 13.29
CA PHE A 139 -22.74 6.53 12.81
C PHE A 139 -22.04 6.59 11.47
N CYS A 140 -21.40 5.49 11.07
CA CYS A 140 -20.86 5.43 9.70
C CYS A 140 -21.97 5.67 8.70
N GLU A 141 -23.09 5.00 8.90
CA GLU A 141 -24.23 5.16 8.01
C GLU A 141 -24.89 6.53 8.24
N ARG A 142 -25.03 6.91 9.50
CA ARG A 142 -25.78 8.13 9.81
C ARG A 142 -25.06 9.43 9.43
N ARG A 143 -23.74 9.45 9.53
CA ARG A 143 -22.99 10.70 9.42
C ARG A 143 -21.69 10.56 8.65
N PHE A 144 -20.92 9.51 8.95
CA PHE A 144 -19.50 9.54 8.56
C PHE A 144 -19.28 9.40 7.07
N LEU A 145 -20.07 8.55 6.42
CA LEU A 145 -19.91 8.35 4.99
C LEU A 145 -20.07 9.68 4.22
N SER A 146 -20.99 10.52 4.68
CA SER A 146 -21.18 11.82 4.03
C SER A 146 -20.16 12.88 4.42
N GLU A 147 -19.52 12.73 5.59
CA GLU A 147 -18.77 13.83 6.18
C GLU A 147 -17.25 13.75 6.07
N VAL A 148 -16.71 12.54 6.05
CA VAL A 148 -15.26 12.38 6.09
C VAL A 148 -14.82 11.30 5.13
N ASP A 149 -13.53 11.30 4.82
CA ASP A 149 -12.95 10.30 3.93
C ASP A 149 -12.39 9.14 4.75
N TYR A 150 -11.72 9.46 5.85
CA TYR A 150 -11.11 8.43 6.68
C TYR A 150 -11.60 8.63 8.09
N LEU A 151 -11.63 7.54 8.85
CA LEU A 151 -11.94 7.60 10.28
C LEU A 151 -10.81 7.05 11.06
N VAL A 152 -10.50 7.73 12.15
CA VAL A 152 -9.46 7.31 13.06
C VAL A 152 -10.14 7.18 14.44
N CYS A 153 -10.05 6.00 15.05
CA CYS A 153 -10.85 5.69 16.24
C CYS A 153 -9.93 5.40 17.39
N VAL A 154 -10.01 6.22 18.44
CA VAL A 154 -9.02 6.13 19.52
C VAL A 154 -9.65 6.23 20.91
N ASP A 155 -8.90 5.76 21.89
CA ASP A 155 -9.16 6.02 23.32
C ASP A 155 -9.01 7.50 23.66
N VAL A 156 -9.77 7.93 24.67
CA VAL A 156 -9.78 9.33 25.10
C VAL A 156 -8.74 9.62 26.18
N ASP A 157 -8.30 8.57 26.90
CA ASP A 157 -7.42 8.75 28.07
C ASP A 157 -5.98 8.81 27.58
N MET A 158 -5.72 9.80 26.74
CA MET A 158 -4.50 9.86 25.93
C MET A 158 -4.22 11.30 25.61
N GLU A 159 -2.99 11.58 25.19
CA GLU A 159 -2.63 12.90 24.69
C GLU A 159 -1.67 12.73 23.54
N PHE A 160 -1.74 13.68 22.61
CA PHE A 160 -0.80 13.72 21.50
C PHE A 160 0.41 14.47 21.96
N ARG A 161 1.57 13.92 21.64
CA ARG A 161 2.83 14.55 22.03
C ARG A 161 3.75 14.84 20.85
N ASP A 162 3.40 14.34 19.67
CA ASP A 162 4.21 14.58 18.49
C ASP A 162 3.32 14.32 17.29
N HIS A 163 3.85 14.55 16.11
CA HIS A 163 3.09 14.45 14.86
C HIS A 163 2.35 13.14 14.68
N VAL A 164 1.05 13.25 14.39
CA VAL A 164 0.25 12.13 13.90
C VAL A 164 -0.47 12.65 12.66
N GLY A 165 -0.05 12.18 11.50
CA GLY A 165 -0.54 12.76 10.26
C GLY A 165 -0.93 11.78 9.18
N VAL A 166 -0.93 12.27 7.94
CA VAL A 166 -1.53 11.52 6.87
C VAL A 166 -0.74 10.27 6.49
N GLU A 167 0.45 10.08 7.09
CA GLU A 167 1.21 8.85 6.90
C GLU A 167 0.44 7.63 7.42
N ILE A 168 -0.53 7.85 8.31
CA ILE A 168 -1.29 6.70 8.80
C ILE A 168 -2.47 6.33 7.90
N LEU A 169 -2.84 7.21 6.95
CA LEU A 169 -4.08 7.01 6.19
C LEU A 169 -3.94 5.95 5.10
N THR A 170 -4.97 5.11 5.00
CA THR A 170 -4.96 3.94 4.14
C THR A 170 -6.32 3.27 4.29
N PRO A 171 -6.68 2.31 3.42
CA PRO A 171 -8.00 1.69 3.62
C PRO A 171 -8.28 1.09 4.99
N LEU A 172 -7.32 0.39 5.58
CA LEU A 172 -7.57 -0.23 6.88
C LEU A 172 -6.26 -0.28 7.66
N PHE A 173 -6.22 0.27 8.88
CA PHE A 173 -4.99 0.13 9.65
C PHE A 173 -5.23 -0.30 11.07
N GLY A 174 -4.23 -0.98 11.63
CA GLY A 174 -4.18 -1.28 13.04
C GLY A 174 -2.87 -0.74 13.57
N THR A 175 -2.73 -0.80 14.89
CA THR A 175 -1.57 -0.26 15.59
C THR A 175 -0.97 -1.35 16.47
N LEU A 176 0.34 -1.53 16.39
CA LEU A 176 1.02 -2.50 17.27
C LEU A 176 0.90 -2.07 18.74
N HIS A 177 0.27 -2.91 19.54
CA HIS A 177 0.09 -2.64 20.96
C HIS A 177 1.48 -2.52 21.63
N PRO A 178 1.66 -1.50 22.47
CA PRO A 178 2.99 -1.24 23.07
C PRO A 178 3.51 -2.36 23.94
N GLY A 179 2.62 -3.16 24.52
CA GLY A 179 3.08 -4.22 25.40
C GLY A 179 3.59 -5.48 24.69
N PHE A 180 3.37 -5.58 23.37
CA PHE A 180 3.61 -6.87 22.73
C PHE A 180 4.34 -6.81 21.41
N TYR A 181 4.82 -5.63 21.00
CA TYR A 181 5.40 -5.51 19.67
C TYR A 181 6.61 -6.42 19.53
N GLY A 182 7.32 -6.67 20.63
CA GLY A 182 8.51 -7.50 20.58
C GLY A 182 8.27 -8.95 20.95
N SER A 183 7.00 -9.30 21.15
CA SER A 183 6.63 -10.62 21.68
C SER A 183 6.38 -11.67 20.62
N SER A 184 6.54 -12.92 20.99
CA SER A 184 6.18 -14.00 20.09
C SER A 184 4.67 -14.24 20.17
N ARG A 185 4.09 -14.83 19.13
CA ARG A 185 2.64 -14.90 19.03
C ARG A 185 1.98 -15.73 20.13
N GLU A 186 2.72 -16.66 20.74
CA GLU A 186 2.14 -17.46 21.81
CA GLU A 186 2.13 -17.46 21.81
C GLU A 186 2.01 -16.65 23.09
N ALA A 187 2.74 -15.53 23.17
CA ALA A 187 2.65 -14.66 24.34
C ALA A 187 1.61 -13.55 24.12
N PHE A 188 1.13 -13.42 22.89
CA PHE A 188 0.03 -12.46 22.63
C PHE A 188 -1.17 -12.86 23.48
N THR A 189 -1.86 -11.88 24.07
CA THR A 189 -3.05 -12.20 24.87
C THR A 189 -4.35 -12.21 24.04
N TYR A 190 -4.33 -12.93 22.92
CA TYR A 190 -5.54 -13.22 22.16
C TYR A 190 -6.52 -14.01 23.02
N GLU A 191 -7.78 -14.01 22.60
CA GLU A 191 -8.77 -14.93 23.19
C GLU A 191 -8.39 -16.33 22.78
N ARG A 192 -8.21 -17.22 23.75
CA ARG A 192 -7.72 -18.58 23.48
C ARG A 192 -8.80 -19.64 23.64
N ARG A 193 -10.01 -19.23 23.96
CA ARG A 193 -11.11 -20.18 24.09
C ARG A 193 -11.82 -20.38 22.74
N PRO A 194 -11.81 -21.63 22.22
CA PRO A 194 -12.42 -21.91 20.91
C PRO A 194 -13.89 -21.55 20.83
N GLN A 195 -14.56 -21.48 21.98
CA GLN A 195 -15.98 -21.14 22.04
C GLN A 195 -16.26 -19.68 21.67
N SER A 196 -15.22 -18.85 21.69
CA SER A 196 -15.42 -17.43 21.40
C SER A 196 -15.18 -17.12 19.92
N GLN A 197 -15.97 -16.21 19.36
CA GLN A 197 -15.76 -15.75 17.98
C GLN A 197 -14.40 -15.11 17.82
N ALA A 198 -13.82 -14.65 18.92
CA ALA A 198 -12.54 -13.97 18.87
C ALA A 198 -11.35 -14.95 18.95
N TYR A 199 -11.65 -16.25 19.04
CA TYR A 199 -10.62 -17.27 19.21
C TYR A 199 -9.46 -17.20 18.21
N ILE A 200 -8.22 -17.20 18.71
CA ILE A 200 -7.05 -17.36 17.84
C ILE A 200 -6.12 -18.35 18.49
N PRO A 201 -5.81 -19.46 17.79
CA PRO A 201 -4.94 -20.46 18.40
C PRO A 201 -3.47 -20.06 18.43
N LYS A 202 -2.67 -20.80 19.19
CA LYS A 202 -1.30 -20.42 19.47
C LYS A 202 -0.40 -20.40 18.23
N ASP A 203 -0.83 -21.05 17.15
CA ASP A 203 0.00 -21.10 15.95
C ASP A 203 -0.42 -20.10 14.87
N GLU A 204 -1.34 -19.20 15.22
CA GLU A 204 -1.75 -18.14 14.30
C GLU A 204 -1.51 -16.77 14.92
N GLY A 205 -1.48 -15.75 14.07
CA GLY A 205 -1.37 -14.37 14.51
C GLY A 205 -0.14 -13.72 13.89
N ASP A 206 -0.33 -12.51 13.41
CA ASP A 206 0.79 -11.72 12.92
C ASP A 206 1.28 -10.82 14.03
N PHE A 207 0.36 -10.03 14.57
CA PHE A 207 0.69 -8.99 15.54
C PHE A 207 -0.39 -8.90 16.60
N TYR A 208 -0.06 -8.30 17.72
CA TYR A 208 -1.14 -8.01 18.65
C TYR A 208 -1.46 -6.52 18.50
N TYR A 209 -2.66 -6.23 17.98
CA TYR A 209 -3.02 -4.84 17.70
C TYR A 209 -3.72 -4.22 18.91
N GLY A 210 -3.49 -2.93 19.15
CA GLY A 210 -4.16 -2.28 20.27
C GLY A 210 -5.55 -1.78 19.92
N GLY A 211 -6.51 -2.08 20.78
CA GLY A 211 -7.87 -1.58 20.57
C GLY A 211 -8.01 -0.08 20.67
N ALA A 212 -6.98 0.59 21.21
CA ALA A 212 -7.04 2.04 21.41
C ALA A 212 -6.72 2.92 20.18
N PHE A 213 -6.38 2.33 19.03
CA PHE A 213 -6.05 3.15 17.86
C PHE A 213 -6.17 2.28 16.60
N PHE A 214 -7.26 2.46 15.86
CA PHE A 214 -7.41 1.80 14.58
C PHE A 214 -8.15 2.75 13.64
N GLY A 215 -8.20 2.42 12.37
CA GLY A 215 -8.97 3.27 11.48
C GLY A 215 -8.89 2.83 10.06
N GLY A 216 -9.27 3.73 9.13
CA GLY A 216 -9.19 3.39 7.72
C GLY A 216 -10.17 4.27 6.96
N SER A 217 -10.50 3.87 5.73
CA SER A 217 -11.58 4.55 5.01
C SER A 217 -12.92 4.36 5.75
N VAL A 218 -13.89 5.22 5.52
CA VAL A 218 -15.14 5.05 6.26
C VAL A 218 -15.74 3.67 5.97
N GLN A 219 -15.64 3.24 4.71
CA GLN A 219 -16.28 1.99 4.34
C GLN A 219 -15.61 0.82 5.02
N GLU A 220 -14.28 0.83 5.10
CA GLU A 220 -13.61 -0.27 5.81
C GLU A 220 -13.85 -0.26 7.30
N VAL A 221 -13.86 0.94 7.88
CA VAL A 221 -14.09 1.04 9.31
C VAL A 221 -15.52 0.60 9.60
N GLN A 222 -16.44 0.95 8.70
CA GLN A 222 -17.82 0.51 8.92
C GLN A 222 -17.90 -1.03 8.94
N ARG A 223 -17.17 -1.67 8.04
CA ARG A 223 -17.16 -3.12 7.96
C ARG A 223 -16.49 -3.77 9.18
N LEU A 224 -15.42 -3.17 9.64
CA LEU A 224 -14.69 -3.71 10.80
C LEU A 224 -15.55 -3.59 12.04
N THR A 225 -16.11 -2.41 12.27
CA THR A 225 -16.86 -2.17 13.49
C THR A 225 -18.16 -2.98 13.52
N ARG A 226 -18.83 -3.08 12.37
CA ARG A 226 -20.02 -3.93 12.28
C ARG A 226 -19.69 -5.39 12.56
N ALA A 227 -18.61 -5.89 11.96
CA ALA A 227 -18.18 -7.28 12.13
C ALA A 227 -17.81 -7.57 13.59
N CYS A 228 -17.07 -6.67 14.19
CA CYS A 228 -16.69 -6.84 15.58
C CYS A 228 -17.92 -6.85 16.50
N HIS A 229 -18.86 -5.92 16.27
CA HIS A 229 -20.04 -5.88 17.12
C HIS A 229 -20.85 -7.17 16.95
N GLN A 230 -21.03 -7.60 15.71
CA GLN A 230 -21.74 -8.85 15.44
C GLN A 230 -21.06 -10.03 16.13
N ALA A 231 -19.74 -10.09 16.08
CA ALA A 231 -19.02 -11.17 16.77
C ALA A 231 -19.27 -11.10 18.28
N MET A 232 -19.27 -9.89 18.82
CA MET A 232 -19.53 -9.72 20.25
C MET A 232 -20.96 -10.11 20.64
N MET A 233 -21.92 -9.83 19.76
CA MET A 233 -23.28 -10.26 20.01
C MET A 233 -23.42 -11.78 19.98
N VAL A 234 -22.71 -12.44 19.07
CA VAL A 234 -22.70 -13.91 19.04
C VAL A 234 -22.13 -14.47 20.33
N ASP A 235 -21.00 -13.91 20.76
CA ASP A 235 -20.40 -14.32 22.02
C ASP A 235 -21.37 -14.14 23.15
N GLN A 236 -22.00 -12.97 23.21
CA GLN A 236 -22.98 -12.68 24.26
C GLN A 236 -24.10 -13.72 24.29
N ALA A 237 -24.60 -14.11 23.11
CA ALA A 237 -25.69 -15.08 23.07
C ALA A 237 -25.19 -16.47 23.48
N ASN A 238 -23.90 -16.68 23.36
CA ASN A 238 -23.30 -17.94 23.78
C ASN A 238 -22.76 -17.84 25.22
N GLY A 239 -23.07 -16.72 25.88
CA GLY A 239 -22.69 -16.54 27.27
C GLY A 239 -21.20 -16.38 27.51
N ILE A 240 -20.48 -15.90 26.52
CA ILE A 240 -19.03 -15.75 26.66
C ILE A 240 -18.62 -14.31 26.41
N GLU A 241 -17.61 -13.84 27.14
CA GLU A 241 -17.08 -12.51 26.93
C GLU A 241 -15.58 -12.59 26.71
N ALA A 242 -15.10 -12.07 25.59
CA ALA A 242 -13.70 -12.19 25.24
C ALA A 242 -12.76 -11.52 26.26
N VAL A 243 -11.59 -12.12 26.47
CA VAL A 243 -10.67 -11.73 27.53
C VAL A 243 -10.32 -10.23 27.53
N TRP A 244 -10.11 -9.66 26.34
CA TRP A 244 -9.86 -8.23 26.21
C TRP A 244 -10.92 -7.53 25.38
N HIS A 245 -12.12 -8.06 25.45
CA HIS A 245 -13.29 -7.33 24.98
C HIS A 245 -13.15 -6.93 23.52
N ASP A 246 -13.46 -5.68 23.19
CA ASP A 246 -13.39 -5.23 21.80
C ASP A 246 -12.04 -5.44 21.13
N GLU A 247 -10.95 -5.30 21.89
CA GLU A 247 -9.60 -5.52 21.37
C GLU A 247 -9.41 -6.97 20.92
N SER A 248 -10.05 -7.91 21.60
CA SER A 248 -9.90 -9.30 21.21
C SER A 248 -10.55 -9.50 19.85
N HIS A 249 -11.71 -8.89 19.65
CA HIS A 249 -12.40 -9.01 18.36
C HIS A 249 -11.68 -8.25 17.24
N LEU A 250 -11.13 -7.09 17.58
CA LEU A 250 -10.34 -6.33 16.62
C LEU A 250 -9.20 -7.22 16.09
N ASN A 251 -8.57 -7.94 17.00
CA ASN A 251 -7.45 -8.81 16.62
C ASN A 251 -7.86 -9.97 15.74
N LYS A 252 -8.99 -10.57 16.06
CA LYS A 252 -9.55 -11.59 15.18
C LYS A 252 -9.84 -11.00 13.82
N TYR A 253 -10.46 -9.82 13.77
CA TYR A 253 -10.79 -9.21 12.48
C TYR A 253 -9.56 -8.91 11.61
N LEU A 254 -8.56 -8.31 12.20
CA LEU A 254 -7.36 -7.93 11.46
C LEU A 254 -6.46 -9.13 11.12
N LEU A 255 -6.64 -10.25 11.81
CA LEU A 255 -5.89 -11.45 11.44
C LEU A 255 -6.42 -11.92 10.10
N ARG A 256 -7.74 -11.84 9.94
CA ARG A 256 -8.37 -12.41 8.75
C ARG A 256 -8.52 -11.40 7.62
N HIS A 257 -8.51 -10.11 7.96
CA HIS A 257 -8.60 -9.03 6.98
C HIS A 257 -7.35 -8.18 7.20
N LYS A 258 -6.29 -8.46 6.45
CA LYS A 258 -5.02 -7.85 6.73
C LYS A 258 -5.07 -6.33 6.53
N PRO A 259 -4.55 -5.57 7.50
CA PRO A 259 -4.55 -4.12 7.32
C PRO A 259 -3.57 -3.67 6.24
N THR A 260 -3.92 -2.59 5.55
CA THR A 260 -3.08 -2.10 4.46
C THR A 260 -1.95 -1.17 4.94
N LYS A 261 -2.01 -0.76 6.20
CA LYS A 261 -0.85 -0.19 6.92
C LYS A 261 -0.93 -0.68 8.35
N VAL A 262 0.23 -0.80 9.00
CA VAL A 262 0.27 -1.06 10.44
C VAL A 262 1.08 0.07 11.08
N LEU A 263 0.58 0.64 12.16
CA LEU A 263 1.30 1.73 12.84
C LEU A 263 2.20 1.14 13.94
N SER A 264 3.40 1.67 14.03
CA SER A 264 4.31 1.25 15.08
C SER A 264 3.80 1.77 16.42
N PRO A 265 4.41 1.31 17.51
CA PRO A 265 3.95 1.76 18.83
C PRO A 265 4.31 3.21 19.16
N GLU A 266 5.02 3.89 18.23
CA GLU A 266 5.15 5.34 18.35
C GLU A 266 3.75 5.94 18.48
N TYR A 267 2.78 5.30 17.85
CA TYR A 267 1.41 5.82 17.82
C TYR A 267 0.50 5.34 18.96
N LEU A 268 1.02 4.51 19.86
CA LEU A 268 0.24 4.06 21.02
C LEU A 268 1.18 3.63 22.10
N TRP A 269 1.45 4.50 23.07
CA TRP A 269 2.51 4.18 24.02
C TRP A 269 2.10 4.57 25.42
N ASP A 270 2.74 3.96 26.40
CA ASP A 270 2.51 4.34 27.81
C ASP A 270 3.90 4.47 28.38
N GLN A 271 4.35 5.72 28.53
CA GLN A 271 5.72 6.02 28.93
C GLN A 271 6.00 5.64 30.39
N GLN A 272 5.02 5.80 31.28
CA GLN A 272 5.18 5.43 32.68
CA GLN A 272 5.22 5.44 32.67
C GLN A 272 5.43 3.93 32.80
N LEU A 273 4.63 3.16 32.07
CA LEU A 273 4.68 1.72 32.16
C LEU A 273 5.87 1.12 31.45
N LEU A 274 6.21 1.66 30.27
CA LEU A 274 7.16 1.02 29.36
C LEU A 274 8.38 1.85 29.00
N GLY A 275 8.55 3.00 29.63
CA GLY A 275 9.76 3.78 29.41
C GLY A 275 9.84 4.35 28.01
N TRP A 276 11.03 4.29 27.42
CA TRP A 276 11.27 4.92 26.10
C TRP A 276 12.43 4.19 25.44
N PRO A 277 12.15 3.01 24.88
CA PRO A 277 13.15 2.21 24.16
C PRO A 277 13.77 2.98 23.00
N ALA A 278 15.02 2.68 22.69
CA ALA A 278 15.73 3.30 21.56
C ALA A 278 14.99 3.14 20.22
N VAL A 279 14.28 2.03 20.06
CA VAL A 279 13.53 1.78 18.82
C VAL A 279 12.41 2.80 18.56
N LEU A 280 12.01 3.53 19.60
CA LEU A 280 11.01 4.60 19.44
C LEU A 280 11.70 5.96 19.40
N ARG A 281 11.82 6.51 18.19
CA ARG A 281 12.48 7.78 18.01
C ARG A 281 11.54 8.93 18.34
N LYS A 282 10.24 8.65 18.30
CA LYS A 282 9.21 9.62 18.70
C LYS A 282 8.13 8.92 19.50
N LEU A 283 7.53 9.63 20.46
CA LEU A 283 6.34 9.16 21.17
C LEU A 283 5.24 10.10 20.73
N ARG A 284 4.31 9.60 19.94
CA ARG A 284 3.32 10.50 19.29
C ARG A 284 1.99 10.60 20.03
N PHE A 285 1.51 9.50 20.59
CA PHE A 285 0.17 9.45 21.19
C PHE A 285 0.32 8.53 22.38
N THR A 286 0.16 9.07 23.59
CA THR A 286 0.57 8.36 24.80
C THR A 286 -0.49 8.35 25.88
N ALA A 287 -0.42 7.34 26.73
CA ALA A 287 -1.38 7.22 27.84
C ALA A 287 -1.29 8.40 28.81
N VAL A 288 -2.44 8.87 29.27
CA VAL A 288 -2.51 9.78 30.41
C VAL A 288 -2.74 8.99 31.70
N PRO A 289 -1.89 9.24 32.72
CA PRO A 289 -2.02 8.59 34.03
C PRO A 289 -3.47 8.63 34.50
N LYS A 290 -3.99 7.49 34.99
CA LYS A 290 -5.36 7.48 35.53
C LYS A 290 -5.51 6.49 36.69
N ALA B 2 -11.84 -9.59 -10.69
CA ALA B 2 -12.23 -8.21 -10.42
C ALA B 2 -11.27 -7.60 -9.41
N ILE B 3 -11.25 -6.27 -9.31
CA ILE B 3 -10.52 -5.62 -8.21
C ILE B 3 -11.54 -5.30 -7.12
N GLY B 4 -11.42 -6.01 -6.00
CA GLY B 4 -12.36 -5.87 -4.91
C GLY B 4 -12.40 -4.48 -4.30
N GLU B 5 -13.58 -4.05 -3.91
CA GLU B 5 -13.74 -2.73 -3.28
C GLU B 5 -13.25 -2.71 -1.84
N PHE B 6 -13.26 -3.87 -1.18
CA PHE B 6 -12.88 -3.95 0.24
C PHE B 6 -11.90 -5.09 0.54
N MET B 7 -11.33 -5.07 1.74
CA MET B 7 -10.51 -6.18 2.22
C MET B 7 -11.30 -7.49 2.12
N VAL B 8 -10.61 -8.56 1.72
CA VAL B 8 -11.21 -9.90 1.70
C VAL B 8 -10.90 -10.66 3.00
N SER B 9 -11.71 -11.68 3.29
CA SER B 9 -11.50 -12.49 4.48
C SER B 9 -10.74 -13.79 4.22
N LEU B 10 -9.58 -13.93 4.82
CA LEU B 10 -8.73 -15.10 4.65
C LEU B 10 -9.17 -16.26 5.55
N PRO B 11 -8.90 -17.51 5.12
CA PRO B 11 -9.07 -18.68 5.98
C PRO B 11 -7.90 -18.79 6.95
N ARG B 12 -7.99 -19.69 7.93
CA ARG B 12 -6.86 -20.01 8.79
C ARG B 12 -5.63 -20.38 7.96
N MET B 13 -4.48 -19.82 8.33
CA MET B 13 -3.23 -20.15 7.67
C MET B 13 -2.12 -20.29 8.71
N VAL B 14 -1.24 -21.25 8.48
CA VAL B 14 -0.09 -21.44 9.36
C VAL B 14 1.17 -21.04 8.62
N TYR B 15 1.88 -20.05 9.16
CA TYR B 15 3.12 -19.56 8.55
C TYR B 15 3.93 -18.89 9.65
N PRO B 16 5.21 -18.65 9.40
CA PRO B 16 6.09 -18.05 10.41
C PRO B 16 5.65 -16.65 10.84
N GLN B 17 5.69 -16.38 12.14
CA GLN B 17 5.32 -15.06 12.62
C GLN B 17 6.28 -13.97 12.14
N PRO B 18 5.73 -12.86 11.62
CA PRO B 18 6.64 -11.77 11.25
C PRO B 18 7.26 -11.25 12.53
N LYS B 19 8.56 -10.94 12.51
CA LYS B 19 9.17 -10.46 13.74
C LYS B 19 9.54 -9.00 13.62
N VAL B 20 8.90 -8.19 14.46
CA VAL B 20 9.02 -6.75 14.43
C VAL B 20 10.45 -6.28 14.66
N LEU B 21 11.19 -7.00 15.51
CA LEU B 21 12.54 -6.55 15.88
C LEU B 21 13.65 -7.32 15.16
N THR B 22 13.26 -8.18 14.21
CA THR B 22 14.23 -8.96 13.44
C THR B 22 13.93 -9.01 11.96
N PRO B 23 13.94 -7.85 11.29
CA PRO B 23 13.68 -7.79 9.84
C PRO B 23 14.61 -8.70 9.03
N CYS B 24 14.07 -9.37 8.02
CA CYS B 24 14.87 -10.23 7.16
C CYS B 24 15.82 -9.42 6.29
N ARG B 25 15.31 -8.42 5.58
CA ARG B 25 16.16 -7.64 4.68
C ARG B 25 16.63 -6.37 5.35
N LYS B 26 17.91 -6.34 5.72
CA LYS B 26 18.51 -5.16 6.32
C LYS B 26 19.48 -4.49 5.36
N ASP B 27 19.65 -5.10 4.18
CA ASP B 27 20.64 -4.65 3.21
C ASP B 27 20.11 -3.71 2.14
N VAL B 28 18.78 -3.61 2.01
CA VAL B 28 18.14 -2.82 0.97
C VAL B 28 17.00 -2.05 1.60
N LEU B 29 16.62 -0.95 0.96
CA LEU B 29 15.44 -0.20 1.30
C LEU B 29 14.23 -1.01 0.83
N VAL B 30 13.28 -1.27 1.73
CA VAL B 30 12.10 -2.05 1.35
C VAL B 30 10.79 -1.25 1.33
N VAL B 31 10.87 0.06 1.57
CA VAL B 31 9.70 0.93 1.45
C VAL B 31 10.15 2.31 0.97
N THR B 32 9.38 2.90 0.07
CA THR B 32 9.72 4.24 -0.41
C THR B 32 9.31 5.31 0.60
N PRO B 33 9.76 6.56 0.39
CA PRO B 33 9.38 7.61 1.36
C PRO B 33 7.92 8.00 1.25
N TRP B 34 7.23 7.51 0.23
CA TRP B 34 5.77 7.67 0.19
C TRP B 34 5.06 6.39 0.62
N LEU B 35 5.79 5.51 1.30
CA LEU B 35 5.23 4.31 1.91
C LEU B 35 4.68 3.31 0.91
N ALA B 36 5.30 3.25 -0.26
CA ALA B 36 5.06 2.14 -1.19
C ALA B 36 6.11 1.05 -0.93
N PRO B 37 5.67 -0.21 -0.89
CA PRO B 37 6.70 -1.27 -0.70
C PRO B 37 7.62 -1.39 -1.90
N ILE B 38 8.89 -1.70 -1.63
CA ILE B 38 9.84 -2.06 -2.69
C ILE B 38 10.00 -3.58 -2.61
N VAL B 39 9.64 -4.28 -3.70
CA VAL B 39 9.47 -5.72 -3.64
C VAL B 39 10.75 -6.49 -3.88
N TRP B 40 11.26 -7.09 -2.80
CA TRP B 40 12.42 -7.96 -2.82
C TRP B 40 12.04 -9.30 -2.22
N GLU B 41 12.78 -10.34 -2.61
CA GLU B 41 12.63 -11.64 -1.97
C GLU B 41 12.88 -11.47 -0.49
N GLY B 42 12.01 -12.07 0.31
CA GLY B 42 12.11 -11.97 1.76
C GLY B 42 11.20 -10.92 2.37
N THR B 43 10.55 -10.11 1.54
CA THR B 43 9.63 -9.08 2.06
C THR B 43 8.17 -9.56 2.06
N PHE B 44 7.88 -10.60 1.29
CA PHE B 44 6.48 -11.03 1.15
C PHE B 44 6.27 -12.52 1.36
N ASN B 45 5.09 -12.86 1.88
CA ASN B 45 4.69 -14.24 2.02
C ASN B 45 3.72 -14.49 0.89
N ILE B 46 4.15 -15.28 -0.08
CA ILE B 46 3.39 -15.42 -1.32
C ILE B 46 2.11 -16.22 -1.08
N ASP B 47 2.10 -17.06 -0.04
CA ASP B 47 0.88 -17.77 0.31
C ASP B 47 -0.24 -16.81 0.73
N ILE B 48 0.10 -15.83 1.57
CA ILE B 48 -0.89 -14.83 1.99
C ILE B 48 -1.36 -14.03 0.80
N LEU B 49 -0.41 -13.57 -0.02
CA LEU B 49 -0.80 -12.75 -1.16
C LEU B 49 -1.63 -13.53 -2.18
N ASN B 50 -1.25 -14.77 -2.47
CA ASN B 50 -2.04 -15.57 -3.41
C ASN B 50 -3.48 -15.74 -2.97
N GLU B 51 -3.66 -15.98 -1.66
CA GLU B 51 -5.02 -16.09 -1.12
C GLU B 51 -5.78 -14.81 -1.36
N GLN B 52 -5.16 -13.68 -1.02
CA GLN B 52 -5.83 -12.40 -1.17
C GLN B 52 -6.31 -12.21 -2.62
N PHE B 53 -5.43 -12.45 -3.59
CA PHE B 53 -5.75 -12.21 -4.98
C PHE B 53 -6.62 -13.29 -5.62
N ARG B 54 -6.43 -14.56 -5.27
CA ARG B 54 -7.34 -15.61 -5.78
C ARG B 54 -8.78 -15.37 -5.33
N LEU B 55 -8.97 -14.84 -4.12
CA LEU B 55 -10.31 -14.63 -3.59
C LEU B 55 -11.05 -13.54 -4.37
N GLN B 56 -10.31 -12.72 -5.10
CA GLN B 56 -10.93 -11.73 -5.97
C GLN B 56 -11.05 -12.20 -7.42
N ASN B 57 -10.62 -13.44 -7.70
CA ASN B 57 -10.57 -13.97 -9.06
C ASN B 57 -9.87 -12.99 -9.99
N THR B 58 -8.67 -12.64 -9.62
CA THR B 58 -7.92 -11.65 -10.34
C THR B 58 -7.52 -12.15 -11.73
N THR B 59 -7.72 -11.30 -12.73
CA THR B 59 -7.17 -11.55 -14.07
CA THR B 59 -7.19 -11.54 -14.08
C THR B 59 -6.06 -10.54 -14.38
N ILE B 60 -4.93 -11.06 -14.85
CA ILE B 60 -3.80 -10.23 -15.19
C ILE B 60 -3.54 -10.28 -16.68
N GLY B 61 -3.47 -9.11 -17.30
CA GLY B 61 -3.08 -9.01 -18.70
C GLY B 61 -1.60 -8.71 -18.76
N LEU B 62 -0.95 -9.27 -19.77
CA LEU B 62 0.48 -9.07 -19.99
CA LEU B 62 0.46 -9.01 -19.99
C LEU B 62 0.61 -8.64 -21.44
N THR B 63 1.14 -7.45 -21.68
CA THR B 63 1.35 -6.98 -23.04
C THR B 63 2.80 -7.16 -23.39
N VAL B 64 3.03 -7.59 -24.63
CA VAL B 64 4.37 -7.71 -25.14
C VAL B 64 4.38 -7.44 -26.62
N PHE B 65 5.38 -6.67 -27.09
CA PHE B 65 5.48 -6.37 -28.51
C PHE B 65 6.53 -7.22 -29.20
N ALA B 66 6.17 -7.77 -30.35
CA ALA B 66 7.15 -8.60 -31.06
C ALA B 66 7.07 -8.26 -32.52
N ILE B 67 7.72 -7.15 -32.86
CA ILE B 67 7.66 -6.56 -34.19
C ILE B 67 8.93 -6.89 -34.97
N LYS B 68 8.79 -7.12 -36.27
CA LYS B 68 9.93 -7.49 -37.12
C LYS B 68 10.72 -8.68 -36.53
N LYS B 69 12.04 -8.57 -36.39
CA LYS B 69 12.81 -9.77 -36.01
C LYS B 69 12.56 -10.22 -34.57
N TYR B 70 11.89 -9.39 -33.79
CA TYR B 70 11.69 -9.70 -32.38
C TYR B 70 10.66 -10.80 -32.17
N VAL B 71 9.98 -11.22 -33.23
CA VAL B 71 9.10 -12.37 -33.09
C VAL B 71 9.89 -13.58 -32.64
N ALA B 72 11.18 -13.60 -32.95
CA ALA B 72 12.04 -14.72 -32.57
C ALA B 72 12.12 -14.95 -31.06
N PHE B 73 11.83 -13.92 -30.29
CA PHE B 73 11.93 -14.02 -28.83
C PHE B 73 10.67 -14.60 -28.20
N LEU B 74 9.60 -14.78 -28.99
CA LEU B 74 8.30 -15.08 -28.37
C LEU B 74 8.26 -16.46 -27.75
N LYS B 75 8.87 -17.44 -28.40
CA LYS B 75 8.77 -18.84 -27.93
C LYS B 75 9.27 -18.98 -26.50
N LEU B 76 10.50 -18.54 -26.25
CA LEU B 76 11.11 -18.59 -24.93
C LEU B 76 10.37 -17.71 -23.91
N PHE B 77 9.97 -16.51 -24.34
CA PHE B 77 9.25 -15.60 -23.47
C PHE B 77 7.97 -16.25 -22.98
N LEU B 78 7.17 -16.81 -23.90
CA LEU B 78 5.87 -17.37 -23.49
C LEU B 78 6.04 -18.68 -22.73
N GLU B 79 7.00 -19.51 -23.17
CA GLU B 79 7.20 -20.79 -22.49
C GLU B 79 7.62 -20.55 -21.06
N THR B 80 8.48 -19.56 -20.87
CA THR B 80 8.95 -19.32 -19.48
C THR B 80 7.91 -18.58 -18.63
N ALA B 81 7.13 -17.70 -19.27
CA ALA B 81 6.01 -17.09 -18.57
C ALA B 81 5.04 -18.15 -18.06
N GLU B 82 4.84 -19.20 -18.84
CA GLU B 82 3.95 -20.29 -18.42
C GLU B 82 4.47 -20.97 -17.15
N LYS B 83 5.78 -20.96 -16.97
CA LYS B 83 6.36 -21.64 -15.82
C LYS B 83 6.36 -20.74 -14.58
N HIS B 84 6.43 -19.43 -14.81
CA HIS B 84 6.75 -18.50 -13.72
C HIS B 84 5.83 -17.29 -13.50
N PHE B 85 5.02 -16.93 -14.48
CA PHE B 85 4.26 -15.68 -14.37
C PHE B 85 2.83 -15.92 -13.90
N MET B 86 2.51 -15.44 -12.70
CA MET B 86 1.16 -15.54 -12.16
C MET B 86 0.56 -16.93 -12.19
N VAL B 87 1.38 -17.97 -11.98
CA VAL B 87 0.84 -19.33 -12.05
C VAL B 87 -0.26 -19.50 -11.00
N GLY B 88 -1.41 -20.05 -11.41
CA GLY B 88 -2.55 -20.24 -10.52
C GLY B 88 -3.62 -19.16 -10.66
N HIS B 89 -3.29 -18.09 -11.35
CA HIS B 89 -4.19 -16.97 -11.56
C HIS B 89 -4.60 -16.91 -13.03
N ARG B 90 -5.64 -16.15 -13.35
CA ARG B 90 -6.05 -16.02 -14.74
C ARG B 90 -5.11 -15.05 -15.44
N VAL B 91 -4.59 -15.45 -16.61
CA VAL B 91 -3.68 -14.63 -17.38
C VAL B 91 -4.18 -14.47 -18.81
N HIS B 92 -4.14 -13.23 -19.28
CA HIS B 92 -4.45 -12.98 -20.68
C HIS B 92 -3.22 -12.34 -21.30
N TYR B 93 -2.57 -13.05 -22.21
CA TYR B 93 -1.43 -12.48 -22.93
C TYR B 93 -1.94 -11.69 -24.13
N TYR B 94 -1.40 -10.50 -24.33
CA TYR B 94 -1.67 -9.70 -25.51
C TYR B 94 -0.36 -9.54 -26.28
N VAL B 95 -0.26 -10.27 -27.38
CA VAL B 95 0.95 -10.23 -28.20
C VAL B 95 0.71 -9.31 -29.38
N PHE B 96 1.43 -8.17 -29.40
CA PHE B 96 1.32 -7.23 -30.50
C PHE B 96 2.38 -7.56 -31.53
N THR B 97 1.99 -7.79 -32.78
CA THR B 97 2.98 -8.17 -33.78
C THR B 97 2.61 -7.75 -35.18
N ASP B 98 3.60 -7.59 -36.04
CA ASP B 98 3.31 -7.36 -37.45
C ASP B 98 3.28 -8.68 -38.24
N GLN B 99 3.55 -9.80 -37.56
CA GLN B 99 3.55 -11.11 -38.19
C GLN B 99 2.76 -12.13 -37.38
N PRO B 100 1.43 -12.03 -37.42
CA PRO B 100 0.60 -13.01 -36.68
C PRO B 100 0.99 -14.46 -37.00
N ALA B 101 1.31 -14.74 -38.25
CA ALA B 101 1.62 -16.11 -38.64
C ALA B 101 2.93 -16.61 -38.02
N ALA B 102 3.75 -15.69 -37.51
CA ALA B 102 5.04 -16.02 -36.91
C ALA B 102 4.96 -16.23 -35.40
N VAL B 103 3.78 -16.11 -34.82
CA VAL B 103 3.64 -16.33 -33.38
C VAL B 103 3.73 -17.83 -33.13
N PRO B 104 4.67 -18.26 -32.27
CA PRO B 104 4.83 -19.70 -32.00
C PRO B 104 3.60 -20.27 -31.32
N ARG B 105 3.25 -21.52 -31.65
CA ARG B 105 2.18 -22.19 -30.91
C ARG B 105 2.73 -22.64 -29.55
N VAL B 106 2.26 -22.01 -28.50
CA VAL B 106 2.75 -22.36 -27.18
C VAL B 106 1.60 -22.92 -26.39
N THR B 107 1.86 -24.02 -25.71
CA THR B 107 0.84 -24.73 -24.95
C THR B 107 0.64 -23.99 -23.63
N LEU B 108 -0.61 -23.61 -23.34
CA LEU B 108 -0.90 -22.82 -22.17
C LEU B 108 -1.55 -23.66 -21.07
N GLY B 109 -1.23 -23.34 -19.83
CA GLY B 109 -1.92 -23.95 -18.69
C GLY B 109 -3.35 -23.48 -18.57
N THR B 110 -4.11 -24.16 -17.71
CA THR B 110 -5.53 -23.86 -17.59
C THR B 110 -5.77 -22.43 -17.08
N GLY B 111 -6.77 -21.74 -17.63
CA GLY B 111 -7.09 -20.41 -17.15
C GLY B 111 -6.20 -19.34 -17.73
N ARG B 112 -5.42 -19.72 -18.76
CA ARG B 112 -4.55 -18.75 -19.44
C ARG B 112 -4.92 -18.66 -20.92
N GLN B 113 -4.91 -17.45 -21.46
CA GLN B 113 -5.28 -17.27 -22.86
C GLN B 113 -4.36 -16.29 -23.54
N LEU B 114 -4.29 -16.41 -24.86
CA LEU B 114 -3.44 -15.52 -25.64
C LEU B 114 -4.22 -14.89 -26.78
N SER B 115 -4.06 -13.57 -26.92
CA SER B 115 -4.64 -12.87 -28.06
C SER B 115 -3.51 -12.28 -28.88
N VAL B 116 -3.61 -12.42 -30.20
CA VAL B 116 -2.65 -11.82 -31.12
C VAL B 116 -3.23 -10.55 -31.74
N LEU B 117 -2.54 -9.44 -31.52
CA LEU B 117 -2.96 -8.15 -32.03
C LEU B 117 -2.03 -7.71 -33.17
N GLU B 118 -2.60 -7.54 -34.36
CA GLU B 118 -1.76 -7.17 -35.48
C GLU B 118 -1.56 -5.67 -35.52
N VAL B 119 -0.30 -5.24 -35.57
CA VAL B 119 0.00 -3.81 -35.54
C VAL B 119 1.06 -3.42 -36.57
N ARG B 120 1.18 -2.10 -36.78
CA ARG B 120 2.14 -1.54 -37.71
C ARG B 120 3.58 -1.69 -37.21
N ALA B 121 4.49 -1.98 -38.14
CA ALA B 121 5.92 -2.03 -37.88
C ALA B 121 6.59 -0.71 -38.25
N TYR B 122 6.96 0.09 -37.25
CA TYR B 122 7.69 1.33 -37.52
C TYR B 122 9.12 1.04 -37.98
N LYS B 123 9.68 1.94 -38.78
CA LYS B 123 11.01 1.71 -39.33
C LYS B 123 12.12 1.93 -38.31
N ARG B 124 12.00 3.00 -37.54
CA ARG B 124 13.01 3.36 -36.56
C ARG B 124 12.77 2.61 -35.27
N TRP B 125 13.79 1.92 -34.80
CA TRP B 125 13.65 1.10 -33.60
C TRP B 125 13.17 1.91 -32.40
N GLN B 126 13.56 3.19 -32.37
CA GLN B 126 13.09 4.09 -31.33
C GLN B 126 11.59 4.27 -31.43
N ASP B 127 11.07 4.35 -32.66
CA ASP B 127 9.63 4.49 -32.86
C ASP B 127 8.86 3.22 -32.49
N VAL B 128 9.41 2.05 -32.79
CA VAL B 128 8.78 0.83 -32.31
C VAL B 128 8.69 0.86 -30.79
N SER B 129 9.83 1.07 -30.15
CA SER B 129 9.89 1.10 -28.68
C SER B 129 8.95 2.17 -28.12
N MET B 130 9.01 3.36 -28.69
CA MET B 130 8.22 4.47 -28.19
C MET B 130 6.71 4.33 -28.43
N ARG B 131 6.34 3.84 -29.61
CA ARG B 131 4.92 3.76 -29.98
C ARG B 131 4.17 2.65 -29.25
N ARG B 132 4.87 1.89 -28.42
CA ARG B 132 4.18 0.97 -27.54
C ARG B 132 3.23 1.75 -26.64
N MET B 133 3.65 2.94 -26.19
CA MET B 133 2.82 3.71 -25.26
C MET B 133 1.47 4.02 -25.92
N GLU B 134 1.52 4.43 -27.19
CA GLU B 134 0.28 4.74 -27.90
C GLU B 134 -0.61 3.50 -28.04
N MET B 135 0.00 2.38 -28.41
CA MET B 135 -0.76 1.18 -28.69
C MET B 135 -1.39 0.61 -27.43
N ILE B 136 -0.63 0.63 -26.34
CA ILE B 136 -1.14 0.14 -25.06
C ILE B 136 -2.29 1.03 -24.59
N SER B 137 -2.14 2.33 -24.76
CA SER B 137 -3.16 3.26 -24.28
CA SER B 137 -3.15 3.28 -24.30
C SER B 137 -4.45 3.16 -25.08
N ASP B 138 -4.34 2.89 -26.38
CA ASP B 138 -5.54 2.76 -27.18
C ASP B 138 -6.21 1.39 -26.99
N PHE B 139 -5.42 0.38 -26.65
CA PHE B 139 -5.97 -0.95 -26.35
C PHE B 139 -6.38 -1.08 -24.90
N ARG B 143 -9.79 -2.38 -25.24
CA ARG B 143 -10.43 -3.63 -24.82
C ARG B 143 -10.06 -4.15 -23.42
N PHE B 144 -8.87 -3.81 -22.94
CA PHE B 144 -8.36 -4.29 -21.65
C PHE B 144 -9.32 -3.93 -20.54
N LEU B 145 -9.94 -2.77 -20.64
CA LEU B 145 -10.77 -2.27 -19.54
C LEU B 145 -11.93 -3.21 -19.24
N SER B 146 -12.37 -3.96 -20.26
CA SER B 146 -13.48 -4.91 -20.08
C SER B 146 -13.02 -6.36 -19.94
N GLU B 147 -11.71 -6.60 -19.89
CA GLU B 147 -11.16 -7.96 -20.00
C GLU B 147 -10.25 -8.40 -18.84
N VAL B 148 -9.47 -7.47 -18.30
CA VAL B 148 -8.52 -7.77 -17.25
C VAL B 148 -8.61 -6.73 -16.12
N ASP B 149 -8.10 -7.10 -14.96
CA ASP B 149 -8.06 -6.23 -13.78
C ASP B 149 -6.76 -5.41 -13.70
N TYR B 150 -5.63 -6.04 -14.05
CA TYR B 150 -4.29 -5.44 -13.99
C TYR B 150 -3.66 -5.67 -15.34
N LEU B 151 -2.78 -4.75 -15.71
CA LEU B 151 -1.97 -4.89 -16.93
C LEU B 151 -0.51 -4.82 -16.55
N VAL B 152 0.29 -5.70 -17.14
CA VAL B 152 1.72 -5.73 -16.92
C VAL B 152 2.35 -5.59 -18.33
N CYS B 153 3.28 -4.64 -18.47
CA CYS B 153 3.80 -4.23 -19.77
C CYS B 153 5.29 -4.44 -19.79
N VAL B 154 5.75 -5.35 -20.64
CA VAL B 154 7.16 -5.74 -20.61
C VAL B 154 7.78 -5.85 -21.99
N ASP B 155 9.11 -5.82 -22.01
CA ASP B 155 9.92 -6.14 -23.21
C ASP B 155 9.83 -7.63 -23.54
N VAL B 156 10.07 -7.98 -24.80
CA VAL B 156 9.94 -9.38 -25.24
C VAL B 156 11.28 -10.12 -25.22
N ASP B 157 12.37 -9.34 -25.21
CA ASP B 157 13.71 -9.90 -25.38
C ASP B 157 14.22 -10.39 -24.04
N MET B 158 13.42 -11.25 -23.42
CA MET B 158 13.55 -11.56 -22.00
C MET B 158 13.06 -12.97 -21.75
N GLU B 159 13.45 -13.54 -20.62
CA GLU B 159 12.88 -14.79 -20.17
C GLU B 159 12.60 -14.75 -18.67
N PHE B 160 11.55 -15.44 -18.25
CA PHE B 160 11.34 -15.69 -16.82
C PHE B 160 12.20 -16.85 -16.32
N ARG B 161 12.90 -16.61 -15.20
CA ARG B 161 13.71 -17.65 -14.59
C ARG B 161 13.20 -18.02 -13.20
N ASP B 162 12.33 -17.20 -12.65
CA ASP B 162 11.86 -17.45 -11.30
C ASP B 162 10.52 -16.77 -11.15
N HIS B 163 9.90 -17.03 -10.00
CA HIS B 163 8.57 -16.52 -9.69
C HIS B 163 8.34 -15.02 -9.98
N VAL B 164 7.30 -14.70 -10.74
CA VAL B 164 6.81 -13.33 -10.80
C VAL B 164 5.32 -13.46 -10.65
N GLY B 165 4.80 -13.02 -9.50
CA GLY B 165 3.41 -13.27 -9.16
C GLY B 165 2.71 -12.04 -8.60
N VAL B 166 1.67 -12.30 -7.81
CA VAL B 166 0.73 -11.24 -7.46
C VAL B 166 1.33 -10.21 -6.48
N GLU B 167 2.51 -10.51 -5.94
CA GLU B 167 3.23 -9.53 -5.12
C GLU B 167 3.48 -8.22 -5.87
N ILE B 168 3.48 -8.26 -7.22
CA ILE B 168 3.75 -7.04 -7.96
C ILE B 168 2.47 -6.19 -8.17
N LEU B 169 1.31 -6.78 -7.93
CA LEU B 169 0.06 -6.12 -8.33
C LEU B 169 -0.36 -5.04 -7.35
N THR B 170 -0.83 -3.92 -7.91
CA THR B 170 -1.05 -2.70 -7.16
C THR B 170 -1.58 -1.69 -8.18
N PRO B 171 -2.14 -0.56 -7.73
CA PRO B 171 -2.64 0.36 -8.76
C PRO B 171 -1.61 0.86 -9.79
N LEU B 172 -0.39 1.13 -9.36
CA LEU B 172 0.62 1.58 -10.30
C LEU B 172 2.02 1.16 -9.85
N PHE B 173 2.75 0.43 -10.70
CA PHE B 173 4.12 0.08 -10.31
C PHE B 173 5.15 0.36 -11.40
N GLY B 174 6.38 0.68 -10.96
CA GLY B 174 7.54 0.75 -11.83
C GLY B 174 8.58 -0.19 -11.23
N THR B 175 9.68 -0.36 -11.95
CA THR B 175 10.70 -1.36 -11.61
C THR B 175 12.02 -0.64 -11.62
N LEU B 176 12.84 -0.87 -10.58
CA LEU B 176 14.17 -0.28 -10.56
C LEU B 176 15.02 -0.80 -11.70
N HIS B 177 15.50 0.11 -12.54
CA HIS B 177 16.40 -0.26 -13.65
C HIS B 177 17.63 -0.95 -13.08
N PRO B 178 18.05 -2.07 -13.69
CA PRO B 178 19.15 -2.81 -13.08
C PRO B 178 20.49 -2.10 -13.17
N GLY B 179 20.63 -1.17 -14.12
CA GLY B 179 21.89 -0.47 -14.28
C GLY B 179 22.13 0.63 -13.26
N PHE B 180 21.07 1.07 -12.56
CA PHE B 180 21.14 2.32 -11.80
C PHE B 180 20.59 2.26 -10.38
N TYR B 181 20.23 1.07 -9.89
CA TYR B 181 19.60 1.00 -8.57
C TYR B 181 20.51 1.54 -7.47
N GLY B 182 21.83 1.47 -7.64
CA GLY B 182 22.76 1.96 -6.63
C GLY B 182 23.30 3.36 -6.90
N SER B 183 22.76 4.00 -7.94
CA SER B 183 23.27 5.31 -8.40
C SER B 183 22.59 6.50 -7.71
N SER B 184 23.29 7.62 -7.66
CA SER B 184 22.71 8.84 -7.08
C SER B 184 21.95 9.52 -8.20
N ARG B 185 20.96 10.34 -7.84
CA ARG B 185 20.04 10.90 -8.82
C ARG B 185 20.74 11.77 -9.88
N GLU B 186 21.83 12.43 -9.51
CA GLU B 186 22.57 13.23 -10.46
C GLU B 186 23.13 12.39 -11.61
N ALA B 187 23.34 11.10 -11.35
CA ALA B 187 23.92 10.21 -12.35
C ALA B 187 22.88 9.54 -13.22
N PHE B 188 21.62 9.56 -12.78
CA PHE B 188 20.52 8.99 -13.56
C PHE B 188 20.50 9.60 -14.96
N THR B 189 20.19 8.78 -15.97
CA THR B 189 20.15 9.25 -17.34
C THR B 189 18.76 9.73 -17.74
N TYR B 190 18.15 10.52 -16.85
CA TYR B 190 16.92 11.26 -17.14
C TYR B 190 17.15 12.19 -18.33
N GLU B 191 16.07 12.59 -19.00
CA GLU B 191 16.18 13.69 -19.95
C GLU B 191 16.53 14.98 -19.20
N ARG B 192 17.58 15.67 -19.63
CA ARG B 192 18.04 16.86 -18.94
C ARG B 192 17.82 18.16 -19.71
N ARG B 193 17.25 18.08 -20.91
CA ARG B 193 16.97 19.33 -21.65
C ARG B 193 15.59 19.86 -21.25
N PRO B 194 15.56 21.09 -20.74
CA PRO B 194 14.28 21.69 -20.33
C PRO B 194 13.27 21.79 -21.48
N GLN B 195 13.75 21.73 -22.71
CA GLN B 195 12.90 21.78 -23.90
C GLN B 195 12.05 20.52 -24.09
N SER B 196 12.43 19.44 -23.41
CA SER B 196 11.68 18.21 -23.49
C SER B 196 10.64 18.10 -22.37
N GLN B 197 9.48 17.55 -22.71
CA GLN B 197 8.45 17.24 -21.69
C GLN B 197 8.95 16.25 -20.65
N ALA B 198 9.96 15.46 -21.00
CA ALA B 198 10.53 14.47 -20.08
C ALA B 198 11.59 15.03 -19.11
N TYR B 199 11.87 16.32 -19.25
CA TYR B 199 12.87 17.02 -18.44
C TYR B 199 12.73 16.76 -16.95
N ILE B 200 13.84 16.38 -16.32
CA ILE B 200 13.92 16.29 -14.87
C ILE B 200 15.26 16.89 -14.45
N PRO B 201 15.25 17.93 -13.60
CA PRO B 201 16.52 18.56 -13.25
C PRO B 201 17.32 17.72 -12.26
N LYS B 202 18.59 18.07 -12.11
CA LYS B 202 19.53 17.28 -11.31
C LYS B 202 19.19 17.13 -9.82
N ASP B 203 18.34 18.01 -9.27
CA ASP B 203 17.99 17.93 -7.85
C ASP B 203 16.62 17.26 -7.60
N GLU B 204 16.09 16.63 -8.63
CA GLU B 204 14.87 15.83 -8.48
C GLU B 204 15.08 14.40 -8.92
N GLY B 205 14.20 13.52 -8.44
CA GLY B 205 14.20 12.15 -8.91
C GLY B 205 14.27 11.24 -7.70
N ASP B 206 13.48 10.17 -7.70
CA ASP B 206 13.60 9.20 -6.62
C ASP B 206 14.46 8.03 -7.09
N PHE B 207 14.06 7.47 -8.22
CA PHE B 207 14.65 6.26 -8.76
C PHE B 207 14.75 6.40 -10.27
N TYR B 208 15.60 5.59 -10.87
CA TYR B 208 15.54 5.43 -12.31
C TYR B 208 14.77 4.14 -12.65
N TYR B 209 13.57 4.32 -13.18
CA TYR B 209 12.73 3.14 -13.48
C TYR B 209 13.01 2.61 -14.89
N GLY B 210 12.88 1.31 -15.08
CA GLY B 210 13.19 0.73 -16.38
C GLY B 210 11.94 0.68 -17.25
N GLY B 211 12.09 1.07 -18.50
CA GLY B 211 10.98 1.04 -19.44
C GLY B 211 10.49 -0.35 -19.78
N ALA B 212 11.27 -1.36 -19.42
CA ALA B 212 10.98 -2.73 -19.83
C ALA B 212 9.97 -3.49 -18.93
N PHE B 213 9.52 -2.87 -17.86
CA PHE B 213 8.62 -3.56 -16.92
C PHE B 213 7.89 -2.56 -16.01
N PHE B 214 6.64 -2.28 -16.37
CA PHE B 214 5.78 -1.45 -15.52
C PHE B 214 4.36 -1.98 -15.62
N GLY B 215 3.45 -1.41 -14.83
CA GLY B 215 2.07 -1.89 -14.89
C GLY B 215 1.23 -1.29 -13.79
N GLY B 216 0.07 -1.89 -13.54
CA GLY B 216 -0.82 -1.40 -12.50
C GLY B 216 -2.24 -1.81 -12.84
N SER B 217 -3.23 -1.13 -12.26
CA SER B 217 -4.59 -1.40 -12.69
C SER B 217 -4.77 -0.93 -14.13
N VAL B 218 -5.79 -1.44 -14.81
CA VAL B 218 -6.00 -1.03 -16.21
C VAL B 218 -6.18 0.50 -16.33
N GLN B 219 -6.97 1.08 -15.44
CA GLN B 219 -7.20 2.51 -15.45
C GLN B 219 -5.89 3.32 -15.27
N GLU B 220 -5.05 2.92 -14.32
CA GLU B 220 -3.78 3.64 -14.12
C GLU B 220 -2.79 3.43 -15.27
N VAL B 221 -2.79 2.24 -15.86
CA VAL B 221 -1.85 1.99 -16.96
C VAL B 221 -2.32 2.77 -18.18
N GLN B 222 -3.61 2.76 -18.43
CA GLN B 222 -4.15 3.62 -19.48
C GLN B 222 -3.73 5.10 -19.31
N ARG B 223 -3.83 5.63 -18.09
CA ARG B 223 -3.49 7.05 -17.87
C ARG B 223 -2.02 7.33 -18.09
N LEU B 224 -1.18 6.43 -17.60
CA LEU B 224 0.26 6.53 -17.74
C LEU B 224 0.67 6.49 -19.21
N THR B 225 0.22 5.47 -19.93
CA THR B 225 0.61 5.30 -21.31
C THR B 225 0.02 6.43 -22.17
N ARG B 226 -1.20 6.85 -21.87
CA ARG B 226 -1.72 8.02 -22.58
C ARG B 226 -0.88 9.27 -22.32
N ALA B 227 -0.52 9.52 -21.07
CA ALA B 227 0.28 10.69 -20.76
C ALA B 227 1.66 10.62 -21.42
N CYS B 228 2.31 9.45 -21.38
CA CYS B 228 3.63 9.34 -22.01
C CYS B 228 3.57 9.58 -23.51
N HIS B 229 2.54 9.03 -24.14
CA HIS B 229 2.37 9.21 -25.57
C HIS B 229 2.15 10.67 -25.93
N GLN B 230 1.25 11.34 -25.22
CA GLN B 230 1.01 12.76 -25.40
C GLN B 230 2.27 13.60 -25.25
N ALA B 231 3.08 13.31 -24.24
CA ALA B 231 4.30 14.08 -24.01
C ALA B 231 5.28 13.85 -25.16
N MET B 232 5.32 12.62 -25.65
CA MET B 232 6.21 12.33 -26.78
C MET B 232 5.77 13.08 -28.03
N MET B 233 4.46 13.19 -28.21
CA MET B 233 3.95 13.88 -29.36
C MET B 233 4.28 15.38 -29.30
N VAL B 234 4.21 15.95 -28.10
CA VAL B 234 4.58 17.36 -27.92
C VAL B 234 6.06 17.56 -28.25
N ASP B 235 6.91 16.68 -27.71
CA ASP B 235 8.34 16.69 -28.02
C ASP B 235 8.57 16.62 -29.54
N GLN B 236 7.89 15.69 -30.20
CA GLN B 236 8.04 15.53 -31.63
C GLN B 236 7.67 16.82 -32.37
N ALA B 237 6.57 17.44 -31.97
CA ALA B 237 6.17 18.70 -32.57
C ALA B 237 7.20 19.81 -32.34
N ASN B 238 7.95 19.67 -31.27
CA ASN B 238 8.96 20.67 -30.90
C ASN B 238 10.36 20.31 -31.40
N GLY B 239 10.47 19.21 -32.13
CA GLY B 239 11.72 18.86 -32.77
C GLY B 239 12.72 18.22 -31.84
N ILE B 240 12.22 17.59 -30.78
CA ILE B 240 13.12 16.96 -29.82
C ILE B 240 12.66 15.52 -29.53
N GLU B 241 13.63 14.63 -29.33
CA GLU B 241 13.38 13.23 -28.95
C GLU B 241 14.15 12.94 -27.65
N ALA B 242 13.45 12.50 -26.61
CA ALA B 242 14.07 12.26 -25.32
C ALA B 242 15.22 11.26 -25.41
N VAL B 243 16.21 11.43 -24.55
CA VAL B 243 17.46 10.66 -24.62
C VAL B 243 17.23 9.16 -24.57
N TRP B 244 16.26 8.73 -23.75
CA TRP B 244 15.92 7.32 -23.66
C TRP B 244 14.44 7.07 -23.98
N HIS B 245 13.90 7.91 -24.86
CA HIS B 245 12.64 7.63 -25.53
C HIS B 245 11.52 7.38 -24.51
N ASP B 246 10.76 6.30 -24.69
CA ASP B 246 9.65 5.98 -23.79
C ASP B 246 10.09 5.94 -22.33
N GLU B 247 11.28 5.41 -22.09
CA GLU B 247 11.75 5.29 -20.72
C GLU B 247 11.94 6.64 -20.05
N SER B 248 12.38 7.65 -20.82
CA SER B 248 12.54 8.99 -20.25
C SER B 248 11.20 9.54 -19.79
N HIS B 249 10.17 9.34 -20.61
CA HIS B 249 8.83 9.82 -20.29
C HIS B 249 8.20 9.04 -19.13
N LEU B 250 8.44 7.73 -19.10
CA LEU B 250 7.99 6.90 -17.98
C LEU B 250 8.54 7.45 -16.67
N ASN B 251 9.81 7.83 -16.69
CA ASN B 251 10.45 8.37 -15.50
C ASN B 251 9.86 9.71 -15.07
N LYS B 252 9.63 10.62 -16.02
CA LYS B 252 8.95 11.87 -15.70
C LYS B 252 7.56 11.58 -15.09
N TYR B 253 6.83 10.63 -15.66
CA TYR B 253 5.48 10.32 -15.17
C TYR B 253 5.52 9.81 -13.74
N LEU B 254 6.42 8.86 -13.48
CA LEU B 254 6.48 8.25 -12.14
C LEU B 254 7.15 9.14 -11.09
N LEU B 255 7.90 10.14 -11.54
CA LEU B 255 8.37 11.17 -10.63
C LEU B 255 7.19 11.94 -10.02
N ARG B 256 6.22 12.31 -10.87
CA ARG B 256 5.14 13.18 -10.48
C ARG B 256 3.92 12.43 -9.98
N HIS B 257 3.77 11.18 -10.41
CA HIS B 257 2.71 10.29 -9.93
C HIS B 257 3.38 9.07 -9.29
N LYS B 258 3.52 9.10 -7.97
CA LYS B 258 4.34 8.08 -7.33
C LYS B 258 3.68 6.71 -7.44
N PRO B 259 4.46 5.69 -7.83
CA PRO B 259 3.93 4.33 -7.88
C PRO B 259 3.59 3.79 -6.48
N THR B 260 2.60 2.91 -6.45
CA THR B 260 2.10 2.36 -5.19
C THR B 260 2.90 1.09 -4.79
N LYS B 261 3.67 0.52 -5.71
CA LYS B 261 4.75 -0.44 -5.38
C LYS B 261 5.92 -0.14 -6.32
N VAL B 262 7.14 -0.45 -5.88
CA VAL B 262 8.30 -0.41 -6.77
C VAL B 262 8.88 -1.80 -6.77
N LEU B 263 9.21 -2.33 -7.94
CA LEU B 263 9.77 -3.69 -8.02
C LEU B 263 11.30 -3.58 -7.98
N SER B 264 11.97 -4.50 -7.28
CA SER B 264 13.43 -4.45 -7.23
C SER B 264 13.97 -4.97 -8.55
N PRO B 265 15.28 -4.84 -8.77
CA PRO B 265 15.83 -5.36 -10.03
C PRO B 265 15.82 -6.91 -10.16
N GLU B 266 15.34 -7.62 -9.15
CA GLU B 266 15.09 -9.04 -9.31
C GLU B 266 14.17 -9.24 -10.52
N TYR B 267 13.30 -8.23 -10.74
CA TYR B 267 12.25 -8.30 -11.76
C TYR B 267 12.68 -7.80 -13.15
N LEU B 268 13.90 -7.29 -13.25
CA LEU B 268 14.36 -6.76 -14.53
C LEU B 268 15.88 -6.76 -14.49
N TRP B 269 16.48 -7.80 -15.04
CA TRP B 269 17.91 -7.99 -14.85
C TRP B 269 18.60 -8.36 -16.17
N ASP B 270 19.92 -8.21 -16.19
CA ASP B 270 20.74 -8.68 -17.31
C ASP B 270 22.00 -9.27 -16.69
N GLN B 271 22.05 -10.59 -16.62
CA GLN B 271 23.14 -11.27 -15.96
C GLN B 271 24.44 -11.18 -16.75
N GLN B 272 24.31 -11.17 -18.07
CA GLN B 272 25.48 -10.98 -18.94
C GLN B 272 26.22 -9.69 -18.57
N LEU B 273 25.47 -8.60 -18.43
CA LEU B 273 26.06 -7.29 -18.23
C LEU B 273 26.44 -7.02 -16.77
N LEU B 274 25.69 -7.62 -15.86
CA LEU B 274 25.69 -7.20 -14.46
C LEU B 274 25.96 -8.30 -13.44
N GLY B 275 26.06 -9.56 -13.90
CA GLY B 275 26.40 -10.66 -13.02
C GLY B 275 25.25 -11.02 -12.10
N TRP B 276 25.57 -11.44 -10.89
CA TRP B 276 24.55 -11.83 -9.91
C TRP B 276 25.01 -11.34 -8.53
N PRO B 277 24.75 -10.06 -8.24
CA PRO B 277 25.11 -9.42 -6.97
C PRO B 277 24.45 -10.05 -5.75
N ALA B 278 25.12 -9.94 -4.61
CA ALA B 278 24.61 -10.49 -3.36
C ALA B 278 23.21 -9.98 -3.06
N VAL B 279 22.94 -8.74 -3.43
CA VAL B 279 21.68 -8.10 -3.08
C VAL B 279 20.48 -8.73 -3.84
N LEU B 280 20.77 -9.48 -4.89
CA LEU B 280 19.74 -10.19 -5.64
C LEU B 280 19.65 -11.65 -5.24
N ARG B 281 18.62 -12.02 -4.48
CA ARG B 281 18.54 -13.39 -4.03
C ARG B 281 17.92 -14.26 -5.11
N LYS B 282 17.14 -13.64 -5.99
CA LYS B 282 16.55 -14.34 -7.11
C LYS B 282 16.68 -13.46 -8.33
N LEU B 283 16.84 -14.09 -9.49
CA LEU B 283 16.83 -13.39 -10.76
C LEU B 283 15.56 -13.86 -11.46
N ARG B 284 14.55 -13.00 -11.57
CA ARG B 284 13.21 -13.48 -11.94
C ARG B 284 12.91 -13.31 -13.42
N PHE B 285 13.32 -12.19 -13.98
CA PHE B 285 12.97 -11.83 -15.36
C PHE B 285 14.21 -11.18 -15.91
N THR B 286 14.84 -11.82 -16.89
CA THR B 286 16.18 -11.45 -17.32
C THR B 286 16.33 -11.30 -18.82
N ALA B 287 17.25 -10.44 -19.24
CA ALA B 287 17.53 -10.25 -20.67
C ALA B 287 18.07 -11.50 -21.35
N VAL B 288 17.56 -11.75 -22.55
CA VAL B 288 18.13 -12.72 -23.46
C VAL B 288 19.13 -11.99 -24.32
N PRO B 289 20.30 -12.61 -24.52
CA PRO B 289 21.34 -12.04 -25.40
C PRO B 289 20.81 -11.66 -26.76
N LYS B 290 21.22 -10.50 -27.24
CA LYS B 290 20.87 -10.07 -28.59
C LYS B 290 21.93 -9.14 -29.16
#